data_8HJ9
#
_entry.id   8HJ9
#
loop_
_entity.id
_entity.type
_entity.pdbx_description
1 polymer 'Glutamate dehydrogenase'
2 non-polymer 'NADP NICOTINAMIDE-ADENINE-DINUCLEOTIDE PHOSPHATE'
#
_entity_poly.entity_id   1
_entity_poly.type   'polypeptide(L)'
_entity_poly.pdbx_seq_one_letter_code
;MVEIDPFEMAVKQLERAAQYMDISEEALEWLKKPMRIVEVSVPIEMDDGSVKVFTGFRVQHNWARGPTKGGIRWHPAETL
STVKALATWMTWKVAVVDLPYGGGKGGIIVNPKELSEREQERLARAYIRAVYDVIGPWTDIPAPDVYTNPKIMGWMMDEY
ETIMRRKGPAFGVITGKPLSIGGSLGRGTATAQGAIFTIREAAKALGIDLKGKKIAVQGYGNAGYYTAKLAKEQLGMTVV
AVSDSRGGIYNPDGLDPDEVLKWKREHGSVKDFPGATNITNEELLELEVDVLAPAAIEEVITEKNADNIKAKIVAEVANG
PVTPEADDILREKGILQIPDFLCNAGGVTVSYFEWVQNINGYYWTEEEVREKLDKKMTKAFWEVYNTHKDKNIHMRDAAY
VVAVSRVYQAMKDRGWVKK
;
_entity_poly.pdbx_strand_id   A
#
loop_
_chem_comp.id
_chem_comp.type
_chem_comp.name
_chem_comp.formula
NAP non-polymer 'NADP NICOTINAMIDE-ADENINE-DINUCLEOTIDE PHOSPHATE' 'C21 H28 N7 O17 P3'
#
# COMPACT_ATOMS: atom_id res chain seq x y z
N ILE A 4 -13.67 -14.35 -8.24
CA ILE A 4 -13.23 -15.66 -7.78
C ILE A 4 -12.78 -15.53 -6.32
N ASP A 5 -11.74 -16.26 -5.93
CA ASP A 5 -11.30 -16.31 -4.54
C ASP A 5 -10.91 -14.95 -3.98
N PRO A 6 -10.09 -14.14 -4.67
CA PRO A 6 -9.71 -12.85 -4.06
C PRO A 6 -10.88 -11.90 -3.89
N PHE A 7 -11.72 -11.74 -4.91
CA PHE A 7 -12.85 -10.84 -4.81
C PHE A 7 -13.85 -11.32 -3.76
N GLU A 8 -14.10 -12.63 -3.71
CA GLU A 8 -15.00 -13.16 -2.70
C GLU A 8 -14.45 -12.96 -1.30
N MET A 9 -13.14 -13.14 -1.11
CA MET A 9 -12.56 -12.90 0.21
C MET A 9 -12.64 -11.43 0.60
N ALA A 10 -12.44 -10.53 -0.38
CA ALA A 10 -12.60 -9.11 -0.11
C ALA A 10 -14.04 -8.77 0.26
N VAL A 11 -15.00 -9.39 -0.42
CA VAL A 11 -16.41 -9.16 -0.09
C VAL A 11 -16.72 -9.67 1.31
N LYS A 12 -16.17 -10.83 1.66
CA LYS A 12 -16.35 -11.35 3.02
C LYS A 12 -15.75 -10.42 4.06
N GLN A 13 -14.58 -9.87 3.77
CA GLN A 13 -13.97 -8.88 4.66
C GLN A 13 -14.86 -7.66 4.82
N LEU A 14 -15.43 -7.17 3.72
CA LEU A 14 -16.35 -6.05 3.79
C LEU A 14 -17.58 -6.39 4.62
N GLU A 15 -18.08 -7.62 4.49
CA GLU A 15 -19.24 -8.03 5.29
C GLU A 15 -18.93 -8.06 6.77
N ARG A 16 -17.79 -8.65 7.16
CA ARG A 16 -17.47 -8.72 8.59
C ARG A 16 -17.13 -7.34 9.13
N ALA A 17 -16.67 -6.44 8.26
CA ALA A 17 -16.50 -5.05 8.65
C ALA A 17 -17.84 -4.37 8.89
N ALA A 18 -18.77 -4.52 7.96
CA ALA A 18 -20.07 -3.88 8.05
C ALA A 18 -20.90 -4.38 9.22
N GLN A 19 -20.80 -5.66 9.57
CA GLN A 19 -21.58 -6.19 10.68
C GLN A 19 -21.13 -5.68 12.05
N TYR A 20 -20.17 -4.76 12.09
CA TYR A 20 -19.83 -4.00 13.30
C TYR A 20 -20.17 -2.53 13.20
N MET A 21 -20.88 -2.10 12.15
CA MET A 21 -21.23 -0.70 12.01
C MET A 21 -22.64 -0.58 11.44
N ASP A 22 -23.25 0.58 11.65
CA ASP A 22 -24.61 0.85 11.20
C ASP A 22 -24.58 1.35 9.76
N ILE A 23 -24.78 0.44 8.82
CA ILE A 23 -24.83 0.77 7.40
C ILE A 23 -26.05 0.11 6.79
N SER A 24 -26.71 0.82 5.87
CA SER A 24 -27.89 0.27 5.21
C SER A 24 -27.49 -0.89 4.30
N GLU A 25 -28.46 -1.80 4.10
CA GLU A 25 -28.19 -2.98 3.28
C GLU A 25 -27.94 -2.60 1.83
N GLU A 26 -28.70 -1.64 1.31
CA GLU A 26 -28.51 -1.23 -0.08
C GLU A 26 -27.14 -0.60 -0.31
N ALA A 27 -26.65 0.19 0.66
CA ALA A 27 -25.30 0.73 0.54
C ALA A 27 -24.25 -0.38 0.56
N LEU A 28 -24.44 -1.41 1.38
CA LEU A 28 -23.50 -2.52 1.40
C LEU A 28 -23.51 -3.26 0.07
N GLU A 29 -24.70 -3.48 -0.50
CA GLU A 29 -24.78 -4.11 -1.82
C GLU A 29 -24.10 -3.26 -2.88
N TRP A 30 -24.27 -1.94 -2.81
CA TRP A 30 -23.60 -1.04 -3.74
C TRP A 30 -22.08 -1.15 -3.60
N LEU A 31 -21.60 -1.21 -2.35
CA LEU A 31 -20.16 -1.32 -2.11
C LEU A 31 -19.61 -2.66 -2.58
N LYS A 32 -20.40 -3.73 -2.53
CA LYS A 32 -19.93 -5.03 -3.00
C LYS A 32 -19.61 -5.03 -4.48
N LYS A 33 -20.45 -4.42 -5.32
CA LYS A 33 -20.25 -4.40 -6.75
C LYS A 33 -19.49 -3.15 -7.14
N PRO A 34 -18.30 -3.26 -7.74
CA PRO A 34 -17.59 -2.07 -8.20
C PRO A 34 -18.38 -1.33 -9.27
N MET A 35 -18.24 -0.01 -9.30
CA MET A 35 -18.97 0.80 -10.28
C MET A 35 -18.58 0.46 -11.71
N ARG A 36 -17.28 0.48 -12.03
CA ARG A 36 -16.87 0.36 -13.42
C ARG A 36 -15.83 -0.74 -13.58
N ILE A 37 -16.05 -1.63 -14.54
CA ILE A 37 -15.07 -2.62 -14.94
C ILE A 37 -14.79 -2.39 -16.42
N VAL A 38 -13.51 -2.26 -16.76
CA VAL A 38 -13.09 -2.01 -18.14
C VAL A 38 -12.05 -3.06 -18.51
N GLU A 39 -12.46 -4.04 -19.32
CA GLU A 39 -11.54 -5.04 -19.84
C GLU A 39 -11.27 -4.72 -21.31
N VAL A 40 -10.02 -4.41 -21.62
CA VAL A 40 -9.64 -3.94 -22.95
C VAL A 40 -8.55 -4.83 -23.52
N SER A 41 -8.40 -4.76 -24.84
CA SER A 41 -7.30 -5.44 -25.51
C SER A 41 -6.19 -4.44 -25.81
N VAL A 42 -4.98 -4.77 -25.36
CA VAL A 42 -3.83 -3.89 -25.53
C VAL A 42 -2.93 -4.48 -26.61
N PRO A 43 -2.95 -3.95 -27.83
CA PRO A 43 -2.11 -4.50 -28.89
C PRO A 43 -0.78 -3.77 -28.98
N ILE A 44 0.30 -4.55 -29.15
CA ILE A 44 1.63 -3.99 -29.36
C ILE A 44 2.33 -4.79 -30.45
N GLU A 45 3.38 -4.21 -31.00
CA GLU A 45 4.21 -4.90 -31.97
C GLU A 45 5.55 -5.27 -31.32
N MET A 46 5.89 -6.55 -31.36
CA MET A 46 7.11 -7.01 -30.72
C MET A 46 8.32 -6.64 -31.56
N ASP A 47 9.51 -6.94 -31.01
CA ASP A 47 10.74 -6.61 -31.70
C ASP A 47 10.91 -7.44 -32.97
N ASP A 48 10.22 -8.58 -33.05
CA ASP A 48 10.31 -9.44 -34.22
C ASP A 48 9.33 -8.98 -35.30
N GLY A 49 8.51 -7.98 -34.99
CA GLY A 49 7.54 -7.46 -35.92
C GLY A 49 6.14 -8.00 -35.76
N SER A 50 5.98 -9.13 -35.08
CA SER A 50 4.65 -9.69 -34.85
C SER A 50 3.88 -8.84 -33.85
N VAL A 51 2.56 -8.86 -33.99
CA VAL A 51 1.66 -8.09 -33.13
C VAL A 51 1.06 -9.03 -32.11
N LYS A 52 1.26 -8.72 -30.83
CA LYS A 52 0.70 -9.49 -29.72
C LYS A 52 -0.24 -8.60 -28.93
N VAL A 53 -1.36 -9.16 -28.50
CA VAL A 53 -2.40 -8.43 -27.78
C VAL A 53 -2.51 -9.04 -26.39
N PHE A 54 -2.55 -8.18 -25.37
CA PHE A 54 -2.74 -8.62 -24.00
C PHE A 54 -4.10 -8.15 -23.48
N THR A 55 -4.47 -8.65 -22.30
CA THR A 55 -5.74 -8.29 -21.68
C THR A 55 -5.48 -7.34 -20.52
N GLY A 56 -6.08 -6.15 -20.58
CA GLY A 56 -5.91 -5.15 -19.55
C GLY A 56 -7.20 -4.93 -18.79
N PHE A 57 -7.06 -4.72 -17.48
CA PHE A 57 -8.18 -4.51 -16.58
C PHE A 57 -8.03 -3.16 -15.88
N ARG A 58 -9.13 -2.41 -15.83
CA ARG A 58 -9.23 -1.19 -15.05
C ARG A 58 -10.53 -1.23 -14.27
N VAL A 59 -10.42 -1.33 -12.95
CA VAL A 59 -11.58 -1.46 -12.07
C VAL A 59 -11.67 -0.22 -11.20
N GLN A 60 -12.77 0.51 -11.32
CA GLN A 60 -13.08 1.64 -10.46
C GLN A 60 -14.18 1.17 -9.52
N HIS A 61 -13.79 0.86 -8.27
CA HIS A 61 -14.72 0.30 -7.31
C HIS A 61 -15.73 1.34 -6.84
N ASN A 62 -15.27 2.55 -6.66
CA ASN A 62 -16.14 3.62 -6.18
C ASN A 62 -15.44 4.95 -6.43
N TRP A 63 -16.22 6.04 -6.59
CA TRP A 63 -15.70 7.40 -6.69
C TRP A 63 -16.54 8.38 -5.91
N ALA A 64 -17.22 7.91 -4.86
CA ALA A 64 -18.05 8.79 -4.05
C ALA A 64 -17.22 9.86 -3.36
N ARG A 65 -16.08 9.48 -2.78
CA ARG A 65 -15.22 10.42 -2.08
C ARG A 65 -14.42 11.30 -3.02
N GLY A 66 -14.27 10.92 -4.29
CA GLY A 66 -13.51 11.68 -5.24
C GLY A 66 -12.99 10.82 -6.36
N PRO A 67 -12.09 11.37 -7.18
CA PRO A 67 -11.52 10.59 -8.27
C PRO A 67 -10.83 9.34 -7.76
N THR A 68 -11.04 8.23 -8.47
CA THR A 68 -10.50 6.95 -8.03
C THR A 68 -8.98 6.94 -8.15
N LYS A 69 -8.32 6.18 -7.28
CA LYS A 69 -6.87 6.07 -7.31
C LYS A 69 -6.53 4.59 -7.23
N GLY A 70 -5.54 4.15 -8.01
CA GLY A 70 -5.21 2.74 -7.99
C GLY A 70 -3.93 2.34 -8.69
N GLY A 71 -3.19 1.40 -8.12
CA GLY A 71 -1.94 0.95 -8.69
C GLY A 71 -2.14 0.09 -9.92
N ILE A 72 -1.06 -0.05 -10.68
CA ILE A 72 -1.03 -0.88 -11.88
C ILE A 72 -0.05 -2.02 -11.68
N ARG A 73 -0.52 -3.24 -11.89
CA ARG A 73 0.30 -4.44 -11.73
C ARG A 73 0.38 -5.19 -13.06
N TRP A 74 1.60 -5.32 -13.58
CA TRP A 74 1.86 -6.09 -14.78
C TRP A 74 2.30 -7.50 -14.38
N HIS A 75 1.45 -8.20 -13.62
CA HIS A 75 1.77 -9.55 -13.19
C HIS A 75 1.14 -10.52 -14.16
N PRO A 76 1.87 -11.55 -14.61
CA PRO A 76 1.27 -12.53 -15.52
C PRO A 76 0.09 -13.28 -14.93
N ALA A 77 0.03 -13.43 -13.61
CA ALA A 77 -1.06 -14.12 -12.94
C ALA A 77 -2.21 -13.21 -12.58
N GLU A 78 -2.17 -11.95 -12.99
CA GLU A 78 -3.24 -11.00 -12.66
C GLU A 78 -4.55 -11.44 -13.29
N THR A 79 -5.62 -11.39 -12.49
CA THR A 79 -6.96 -11.76 -12.93
C THR A 79 -7.93 -10.64 -12.62
N LEU A 80 -9.05 -10.65 -13.35
CA LEU A 80 -10.08 -9.65 -13.15
C LEU A 80 -10.58 -9.67 -11.71
N SER A 81 -10.73 -10.86 -11.12
CA SER A 81 -11.12 -10.95 -9.72
C SER A 81 -10.07 -10.33 -8.80
N THR A 82 -8.78 -10.59 -9.08
CA THR A 82 -7.73 -10.00 -8.27
C THR A 82 -7.73 -8.49 -8.37
N VAL A 83 -7.92 -7.95 -9.58
CA VAL A 83 -7.96 -6.51 -9.76
C VAL A 83 -9.15 -5.91 -9.02
N LYS A 84 -10.31 -6.58 -9.09
CA LYS A 84 -11.48 -6.08 -8.36
C LYS A 84 -11.25 -6.08 -6.86
N ALA A 85 -10.67 -7.14 -6.33
CA ALA A 85 -10.39 -7.20 -4.90
C ALA A 85 -9.39 -6.12 -4.48
N LEU A 86 -8.36 -5.91 -5.30
CA LEU A 86 -7.37 -4.87 -4.99
C LEU A 86 -7.98 -3.48 -5.05
N ALA A 87 -8.89 -3.23 -6.00
CA ALA A 87 -9.58 -1.94 -6.04
C ALA A 87 -10.46 -1.77 -4.81
N THR A 88 -11.13 -2.83 -4.38
CA THR A 88 -11.93 -2.77 -3.16
C THR A 88 -11.07 -2.43 -1.95
N TRP A 89 -9.88 -3.05 -1.86
CA TRP A 89 -8.97 -2.73 -0.77
C TRP A 89 -8.47 -1.29 -0.87
N MET A 90 -8.20 -0.82 -2.09
CA MET A 90 -7.74 0.55 -2.28
C MET A 90 -8.80 1.56 -1.85
N THR A 91 -10.07 1.25 -2.07
CA THR A 91 -11.14 2.12 -1.60
C THR A 91 -11.01 2.39 -0.11
N TRP A 92 -10.91 1.32 0.69
CA TRP A 92 -10.79 1.49 2.13
C TRP A 92 -9.46 2.13 2.52
N LYS A 93 -8.39 1.82 1.78
CA LYS A 93 -7.09 2.38 2.12
C LYS A 93 -7.06 3.89 1.93
N VAL A 94 -7.71 4.38 0.87
CA VAL A 94 -7.77 5.83 0.66
C VAL A 94 -8.83 6.46 1.54
N ALA A 95 -9.84 5.69 1.97
CA ALA A 95 -10.86 6.25 2.84
C ALA A 95 -10.37 6.41 4.29
N VAL A 96 -9.53 5.49 4.76
CA VAL A 96 -9.11 5.51 6.16
C VAL A 96 -8.15 6.66 6.42
N VAL A 97 -7.60 7.26 5.37
CA VAL A 97 -6.62 8.33 5.48
C VAL A 97 -7.29 9.69 5.22
N ASP A 98 -8.58 9.68 4.89
CA ASP A 98 -9.34 10.89 4.58
C ASP A 98 -8.74 11.60 3.37
N LEU A 99 -8.71 10.90 2.24
CA LEU A 99 -8.30 11.49 0.98
C LEU A 99 -9.51 11.65 0.07
N PRO A 100 -9.53 12.68 -0.78
CA PRO A 100 -10.65 12.82 -1.73
C PRO A 100 -10.52 11.86 -2.90
N TYR A 101 -10.33 10.58 -2.61
CA TYR A 101 -10.13 9.56 -3.62
C TYR A 101 -11.14 8.43 -3.45
N GLY A 102 -11.50 7.83 -4.59
CA GLY A 102 -12.14 6.54 -4.63
C GLY A 102 -11.12 5.43 -4.86
N GLY A 103 -11.65 4.20 -4.93
CA GLY A 103 -10.83 3.02 -5.12
C GLY A 103 -10.67 2.68 -6.59
N GLY A 104 -9.42 2.49 -7.01
CA GLY A 104 -9.14 2.10 -8.38
C GLY A 104 -8.10 1.00 -8.42
N LYS A 105 -8.00 0.37 -9.58
CA LYS A 105 -6.97 -0.64 -9.80
C LYS A 105 -6.78 -0.86 -11.28
N GLY A 106 -5.55 -1.17 -11.68
CA GLY A 106 -5.24 -1.48 -13.05
C GLY A 106 -4.27 -2.64 -13.13
N GLY A 107 -4.31 -3.33 -14.28
CA GLY A 107 -3.43 -4.45 -14.49
C GLY A 107 -3.43 -4.89 -15.93
N ILE A 108 -2.39 -5.65 -16.29
CA ILE A 108 -2.25 -6.24 -17.61
C ILE A 108 -1.76 -7.66 -17.44
N ILE A 109 -2.38 -8.61 -18.15
CA ILE A 109 -1.95 -10.01 -18.10
C ILE A 109 -0.69 -10.11 -18.96
N VAL A 110 0.47 -10.02 -18.33
CA VAL A 110 1.75 -10.03 -19.03
C VAL A 110 2.86 -10.27 -18.02
N ASN A 111 3.92 -10.92 -18.47
CA ASN A 111 5.12 -11.09 -17.65
C ASN A 111 6.19 -10.15 -18.19
N PRO A 112 6.53 -9.07 -17.50
CA PRO A 112 7.49 -8.08 -18.04
C PRO A 112 8.94 -8.54 -18.06
N LYS A 113 9.27 -9.68 -17.46
CA LYS A 113 10.64 -10.18 -17.51
C LYS A 113 11.06 -10.54 -18.93
N GLU A 114 10.08 -10.87 -19.78
CA GLU A 114 10.33 -11.20 -21.17
C GLU A 114 10.09 -10.03 -22.12
N LEU A 115 9.85 -8.84 -21.58
CA LEU A 115 9.59 -7.68 -22.44
C LEU A 115 10.78 -6.71 -22.38
N SER A 116 11.21 -6.26 -23.56
CA SER A 116 12.29 -5.29 -23.63
C SER A 116 11.79 -3.90 -23.27
N GLU A 117 12.72 -2.95 -23.21
CA GLU A 117 12.36 -1.57 -22.91
C GLU A 117 11.41 -1.01 -23.96
N ARG A 118 11.70 -1.27 -25.24
CA ARG A 118 10.80 -0.82 -26.30
C ARG A 118 9.43 -1.48 -26.17
N GLU A 119 9.40 -2.79 -25.91
CA GLU A 119 8.14 -3.49 -25.74
C GLU A 119 7.38 -2.99 -24.52
N GLN A 120 8.08 -2.72 -23.42
CA GLN A 120 7.43 -2.19 -22.22
C GLN A 120 6.82 -0.82 -22.49
N GLU A 121 7.58 0.04 -23.18
CA GLU A 121 7.06 1.36 -23.54
C GLU A 121 5.83 1.25 -24.43
N ARG A 122 5.87 0.37 -25.43
CA ARG A 122 4.73 0.18 -26.31
C ARG A 122 3.52 -0.34 -25.53
N LEU A 123 3.75 -1.28 -24.61
CA LEU A 123 2.65 -1.80 -23.80
C LEU A 123 2.02 -0.71 -22.95
N ALA A 124 2.84 0.11 -22.30
CA ALA A 124 2.31 1.20 -21.47
C ALA A 124 1.51 2.19 -22.31
N ARG A 125 2.08 2.59 -23.44
CA ARG A 125 1.44 3.54 -24.35
C ARG A 125 0.11 3.02 -24.87
N ALA A 126 0.09 1.76 -25.29
CA ALA A 126 -1.13 1.16 -25.82
C ALA A 126 -2.18 0.95 -24.74
N TYR A 127 -1.75 0.61 -23.52
CA TYR A 127 -2.69 0.50 -22.41
C TYR A 127 -3.34 1.85 -22.12
N ILE A 128 -2.56 2.93 -22.14
CA ILE A 128 -3.14 4.25 -21.95
C ILE A 128 -4.10 4.59 -23.08
N ARG A 129 -3.72 4.28 -24.32
CA ARG A 129 -4.61 4.51 -25.46
C ARG A 129 -5.92 3.76 -25.30
N ALA A 130 -5.88 2.56 -24.72
CA ALA A 130 -7.09 1.76 -24.52
C ALA A 130 -7.95 2.30 -23.38
N VAL A 131 -7.34 2.71 -22.27
CA VAL A 131 -8.11 3.05 -21.07
C VAL A 131 -8.27 4.56 -20.88
N TYR A 132 -7.92 5.36 -21.89
CA TYR A 132 -8.07 6.81 -21.77
C TYR A 132 -9.49 7.22 -21.40
N ASP A 133 -10.49 6.62 -22.07
CA ASP A 133 -11.86 7.10 -21.92
C ASP A 133 -12.42 6.86 -20.53
N VAL A 134 -11.75 6.07 -19.69
CA VAL A 134 -12.22 5.79 -18.34
C VAL A 134 -11.22 6.21 -17.27
N ILE A 135 -10.22 7.00 -17.63
CA ILE A 135 -9.25 7.52 -16.68
C ILE A 135 -9.15 9.04 -16.86
N GLY A 136 -8.25 9.64 -16.08
CA GLY A 136 -8.03 11.06 -16.13
C GLY A 136 -7.60 11.61 -14.79
N PRO A 137 -7.11 12.86 -14.77
CA PRO A 137 -6.70 13.46 -13.51
C PRO A 137 -7.82 13.56 -12.49
N TRP A 138 -9.06 13.78 -12.93
CA TRP A 138 -10.20 13.88 -12.02
C TRP A 138 -11.12 12.68 -12.09
N THR A 139 -10.73 11.62 -12.81
CA THR A 139 -11.54 10.42 -12.93
C THR A 139 -10.87 9.19 -12.37
N ASP A 140 -9.64 8.89 -12.82
CA ASP A 140 -8.94 7.69 -12.38
C ASP A 140 -7.43 7.90 -12.48
N ILE A 141 -6.73 7.72 -11.36
CA ILE A 141 -5.30 7.96 -11.31
C ILE A 141 -4.55 6.65 -11.11
N PRO A 142 -3.92 6.12 -12.16
CA PRO A 142 -2.99 4.99 -12.00
C PRO A 142 -1.79 5.32 -11.14
N ALA A 143 -1.25 4.31 -10.47
CA ALA A 143 -0.25 4.47 -9.42
C ALA A 143 0.80 3.36 -9.48
N PRO A 144 1.97 3.55 -8.86
CA PRO A 144 2.96 2.48 -8.81
C PRO A 144 2.42 1.25 -8.09
N ASP A 145 2.77 0.08 -8.63
CA ASP A 145 2.50 -1.16 -7.93
C ASP A 145 3.49 -2.26 -8.34
N VAL A 146 3.14 -3.51 -8.06
CA VAL A 146 4.04 -4.63 -8.31
C VAL A 146 4.39 -4.70 -9.79
N TYR A 147 5.68 -4.85 -10.09
CA TYR A 147 6.28 -5.04 -11.40
C TYR A 147 6.19 -3.80 -12.27
N THR A 148 6.02 -2.60 -11.70
CA THR A 148 6.03 -1.36 -12.45
C THR A 148 7.06 -0.41 -11.86
N ASN A 149 7.76 0.30 -12.74
CA ASN A 149 8.77 1.26 -12.31
C ASN A 149 8.42 2.65 -12.82
N PRO A 150 8.95 3.71 -12.23
CA PRO A 150 8.50 5.07 -12.61
C PRO A 150 8.69 5.40 -14.07
N LYS A 151 9.57 4.70 -14.78
CA LYS A 151 9.74 4.96 -16.21
C LYS A 151 8.50 4.54 -17.00
N ILE A 152 7.85 3.46 -16.56
CA ILE A 152 6.60 3.06 -17.17
C ILE A 152 5.55 4.15 -17.00
N MET A 153 5.45 4.73 -15.81
CA MET A 153 4.50 5.82 -15.59
C MET A 153 4.91 7.07 -16.37
N GLY A 154 6.20 7.30 -16.56
CA GLY A 154 6.62 8.38 -17.43
C GLY A 154 6.11 8.20 -18.84
N TRP A 155 6.26 6.99 -19.38
CA TRP A 155 5.73 6.68 -20.70
C TRP A 155 4.22 6.84 -20.76
N MET A 156 3.53 6.36 -19.72
CA MET A 156 2.07 6.45 -19.68
C MET A 156 1.61 7.90 -19.64
N MET A 157 2.27 8.73 -18.84
CA MET A 157 1.91 10.14 -18.77
C MET A 157 2.19 10.84 -20.10
N ASP A 158 3.31 10.48 -20.75
CA ASP A 158 3.60 11.04 -22.06
C ASP A 158 2.49 10.69 -23.06
N GLU A 159 2.05 9.44 -23.07
CA GLU A 159 0.99 9.03 -23.99
C GLU A 159 -0.32 9.74 -23.68
N TYR A 160 -0.68 9.85 -22.40
CA TYR A 160 -1.92 10.52 -22.03
C TYR A 160 -1.85 12.01 -22.41
N GLU A 161 -0.71 12.64 -22.19
CA GLU A 161 -0.54 14.04 -22.58
C GLU A 161 -0.64 14.21 -24.08
N THR A 162 -0.08 13.27 -24.84
CA THR A 162 -0.18 13.35 -26.30
C THR A 162 -1.62 13.21 -26.77
N ILE A 163 -2.37 12.27 -26.18
CA ILE A 163 -3.76 12.07 -26.60
C ILE A 163 -4.63 13.25 -26.20
N MET A 164 -4.47 13.74 -24.97
CA MET A 164 -5.30 14.83 -24.48
C MET A 164 -4.98 16.17 -25.16
N ARG A 165 -3.88 16.25 -25.89
CA ARG A 165 -3.45 17.48 -26.55
C ARG A 165 -3.14 18.58 -25.53
N ARG A 166 -2.74 18.16 -24.32
CA ARG A 166 -2.27 19.06 -23.28
C ARG A 166 -3.32 20.09 -22.89
N LYS A 167 -4.60 19.73 -22.98
CA LYS A 167 -5.68 20.63 -22.60
C LYS A 167 -5.71 20.91 -21.10
N GLY A 168 -5.44 19.92 -20.27
CA GLY A 168 -5.48 20.09 -18.83
C GLY A 168 -4.19 19.65 -18.15
N PRO A 169 -4.25 19.44 -16.84
CA PRO A 169 -3.06 19.00 -16.08
C PRO A 169 -2.72 17.54 -16.33
N ALA A 170 -2.00 17.29 -17.43
CA ALA A 170 -1.62 15.93 -17.78
C ALA A 170 -0.78 15.27 -16.71
N PHE A 171 0.12 16.03 -16.07
CA PHE A 171 1.00 15.46 -15.06
C PHE A 171 0.21 14.78 -13.95
N GLY A 172 -0.99 15.28 -13.68
CA GLY A 172 -1.84 14.75 -12.63
C GLY A 172 -2.66 13.53 -12.99
N VAL A 173 -2.56 13.02 -14.23
CA VAL A 173 -3.34 11.85 -14.59
C VAL A 173 -2.89 10.61 -13.84
N ILE A 174 -1.60 10.45 -13.59
CA ILE A 174 -1.07 9.30 -12.87
C ILE A 174 -0.04 9.80 -11.88
N THR A 175 0.30 8.95 -10.91
CA THR A 175 1.27 9.28 -9.88
C THR A 175 2.46 8.33 -9.96
N GLY A 176 3.46 8.61 -9.11
CA GLY A 176 4.69 7.85 -9.12
C GLY A 176 5.63 8.18 -10.26
N LYS A 177 5.44 9.32 -10.89
CA LYS A 177 6.24 9.74 -12.04
C LYS A 177 7.65 10.13 -11.60
N PRO A 178 8.62 10.09 -12.51
CA PRO A 178 9.99 10.48 -12.16
C PRO A 178 10.06 11.93 -11.71
N LEU A 179 11.02 12.22 -10.83
CA LEU A 179 11.13 13.55 -10.25
C LEU A 179 11.37 14.61 -11.31
N SER A 180 11.95 14.24 -12.45
CA SER A 180 12.19 15.19 -13.52
C SER A 180 10.90 15.79 -14.08
N ILE A 181 9.87 14.97 -14.27
CA ILE A 181 8.61 15.41 -14.85
C ILE A 181 7.49 15.07 -13.87
N GLY A 182 6.96 16.10 -13.19
CA GLY A 182 5.83 15.95 -12.31
C GLY A 182 6.06 15.10 -11.08
N GLY A 183 7.33 14.78 -10.79
CA GLY A 183 7.63 13.95 -9.65
C GLY A 183 7.54 14.70 -8.34
N SER A 184 7.46 13.92 -7.27
CA SER A 184 7.43 14.46 -5.91
C SER A 184 8.44 13.73 -5.04
N LEU A 185 9.03 14.48 -4.11
CA LEU A 185 10.03 13.90 -3.21
C LEU A 185 9.37 13.01 -2.18
N GLY A 186 10.13 12.03 -1.69
CA GLY A 186 9.65 11.10 -0.68
C GLY A 186 8.84 9.95 -1.22
N ARG A 187 8.78 9.79 -2.53
CA ARG A 187 8.03 8.70 -3.14
C ARG A 187 8.61 7.32 -2.81
N GLY A 188 9.93 7.22 -2.78
CA GLY A 188 10.58 5.95 -2.49
C GLY A 188 10.39 5.50 -1.06
N THR A 189 10.45 6.44 -0.12
CA THR A 189 10.31 6.13 1.30
C THR A 189 8.90 6.34 1.82
N ALA A 190 7.92 6.46 0.92
CA ALA A 190 6.57 6.85 1.33
C ALA A 190 5.94 5.81 2.26
N THR A 191 5.91 4.55 1.84
CA THR A 191 5.28 3.51 2.66
C THR A 191 6.03 3.32 3.96
N ALA A 192 7.36 3.32 3.89
CA ALA A 192 8.17 3.16 5.10
C ALA A 192 7.97 4.33 6.06
N GLN A 193 7.92 5.55 5.53
CA GLN A 193 7.73 6.71 6.39
C GLN A 193 6.35 6.68 7.05
N GLY A 194 5.33 6.27 6.28
CA GLY A 194 4.01 6.11 6.87
C GLY A 194 3.99 5.05 7.96
N ALA A 195 4.70 3.94 7.74
CA ALA A 195 4.80 2.91 8.76
C ALA A 195 5.49 3.43 10.01
N ILE A 196 6.54 4.23 9.84
CA ILE A 196 7.25 4.80 10.98
C ILE A 196 6.34 5.75 11.75
N PHE A 197 5.58 6.58 11.03
CA PHE A 197 4.64 7.48 11.70
C PHE A 197 3.57 6.70 12.46
N THR A 198 3.06 5.61 11.87
CA THR A 198 2.09 4.79 12.58
C THR A 198 2.70 4.14 13.83
N ILE A 199 3.94 3.68 13.73
CA ILE A 199 4.60 3.08 14.90
C ILE A 199 4.78 4.14 15.99
N ARG A 200 5.19 5.35 15.62
CA ARG A 200 5.34 6.42 16.60
C ARG A 200 4.02 6.75 17.25
N GLU A 201 2.94 6.82 16.47
CA GLU A 201 1.63 7.09 17.04
C GLU A 201 1.17 5.97 17.96
N ALA A 202 1.44 4.71 17.60
CA ALA A 202 1.10 3.60 18.47
C ALA A 202 1.86 3.67 19.79
N ALA A 203 3.15 4.00 19.73
CA ALA A 203 3.94 4.15 20.94
C ALA A 203 3.41 5.28 21.81
N LYS A 204 3.04 6.39 21.18
CA LYS A 204 2.48 7.51 21.93
C LYS A 204 1.16 7.13 22.59
N ALA A 205 0.32 6.38 21.88
CA ALA A 205 -0.94 5.92 22.45
C ALA A 205 -0.71 4.99 23.62
N LEU A 206 0.25 4.07 23.50
CA LEU A 206 0.60 3.17 24.57
C LEU A 206 1.50 3.80 25.62
N GLY A 207 1.98 5.02 25.37
CA GLY A 207 2.87 5.68 26.30
C GLY A 207 4.30 5.18 26.30
N ILE A 208 4.67 4.37 25.31
CA ILE A 208 6.01 3.80 25.23
C ILE A 208 6.94 4.80 24.57
N ASP A 209 8.08 5.07 25.22
CA ASP A 209 9.14 5.89 24.65
C ASP A 209 10.04 4.99 23.80
N LEU A 210 10.23 5.37 22.54
CA LEU A 210 10.93 4.50 21.60
C LEU A 210 12.44 4.70 21.59
N LYS A 211 12.97 5.59 22.41
CA LYS A 211 14.41 5.81 22.43
C LYS A 211 15.15 4.55 22.88
N GLY A 212 15.86 3.92 21.95
CA GLY A 212 16.62 2.72 22.26
C GLY A 212 15.82 1.43 22.31
N LYS A 213 14.57 1.45 21.85
CA LYS A 213 13.74 0.26 21.92
C LYS A 213 14.10 -0.73 20.80
N LYS A 214 13.36 -1.84 20.75
CA LYS A 214 13.68 -2.96 19.88
C LYS A 214 12.63 -3.11 18.78
N ILE A 215 13.12 -3.17 17.54
CA ILE A 215 12.28 -3.35 16.36
C ILE A 215 12.78 -4.58 15.60
N ALA A 216 11.85 -5.46 15.24
CA ALA A 216 12.15 -6.64 14.44
C ALA A 216 11.36 -6.59 13.15
N VAL A 217 12.07 -6.57 12.02
CA VAL A 217 11.46 -6.42 10.70
C VAL A 217 11.69 -7.71 9.92
N GLN A 218 10.61 -8.30 9.42
CA GLN A 218 10.66 -9.52 8.60
C GLN A 218 10.45 -9.08 7.16
N GLY A 219 11.32 -9.51 6.24
CA GLY A 219 11.24 -9.04 4.86
C GLY A 219 12.09 -7.79 4.74
N TYR A 220 13.09 -7.86 3.85
CA TYR A 220 14.07 -6.79 3.72
C TYR A 220 14.17 -6.28 2.29
N GLY A 221 13.03 -5.99 1.67
CA GLY A 221 13.06 -5.33 0.38
C GLY A 221 13.42 -3.86 0.52
N ASN A 222 13.08 -3.05 -0.47
CA ASN A 222 13.29 -1.62 -0.36
C ASN A 222 12.48 -1.03 0.79
N ALA A 223 11.22 -1.46 0.92
CA ALA A 223 10.36 -0.94 1.97
C ALA A 223 10.90 -1.27 3.35
N GLY A 224 11.37 -2.50 3.55
CA GLY A 224 11.91 -2.87 4.85
C GLY A 224 13.16 -2.11 5.22
N TYR A 225 14.07 -1.95 4.24
CA TYR A 225 15.31 -1.22 4.50
C TYR A 225 15.01 0.24 4.86
N TYR A 226 14.12 0.88 4.07
CA TYR A 226 13.72 2.24 4.41
C TYR A 226 13.04 2.31 5.77
N THR A 227 12.20 1.33 6.10
CA THR A 227 11.52 1.34 7.39
C THR A 227 12.53 1.30 8.53
N ALA A 228 13.49 0.37 8.47
CA ALA A 228 14.48 0.25 9.52
C ALA A 228 15.35 1.50 9.61
N LYS A 229 15.77 2.02 8.46
CA LYS A 229 16.65 3.18 8.45
C LYS A 229 15.95 4.41 9.05
N LEU A 230 14.72 4.69 8.60
CA LEU A 230 13.98 5.81 9.14
C LEU A 230 13.62 5.60 10.61
N ALA A 231 13.38 4.35 11.01
CA ALA A 231 13.12 4.08 12.42
C ALA A 231 14.32 4.47 13.27
N LYS A 232 15.51 3.98 12.91
CA LYS A 232 16.70 4.28 13.70
C LYS A 232 17.05 5.77 13.62
N GLU A 233 16.70 6.42 12.52
CA GLU A 233 17.05 7.83 12.36
C GLU A 233 16.12 8.72 13.18
N GLN A 234 14.82 8.65 12.91
CA GLN A 234 13.86 9.52 13.60
C GLN A 234 13.57 9.02 15.00
N LEU A 235 13.06 7.79 15.11
CA LEU A 235 12.67 7.25 16.42
C LEU A 235 13.86 6.86 17.28
N GLY A 236 15.06 6.75 16.70
CA GLY A 236 16.22 6.35 17.46
C GLY A 236 16.18 4.95 18.00
N MET A 237 15.39 4.06 17.39
CA MET A 237 15.24 2.71 17.90
C MET A 237 16.42 1.83 17.47
N THR A 238 16.57 0.71 18.17
CA THR A 238 17.65 -0.24 17.92
C THR A 238 17.10 -1.40 17.12
N VAL A 239 17.59 -1.57 15.89
CA VAL A 239 17.19 -2.68 15.03
C VAL A 239 17.96 -3.91 15.50
N VAL A 240 17.22 -4.99 15.77
CA VAL A 240 17.86 -6.19 16.30
C VAL A 240 17.80 -7.38 15.35
N ALA A 241 16.90 -7.36 14.36
CA ALA A 241 16.75 -8.50 13.47
C ALA A 241 16.07 -8.06 12.19
N VAL A 242 16.70 -8.41 11.06
CA VAL A 242 16.15 -8.20 9.73
C VAL A 242 16.35 -9.47 8.91
N SER A 243 15.36 -9.79 8.08
CA SER A 243 15.40 -11.01 7.30
C SER A 243 15.00 -10.71 5.86
N ASP A 244 15.59 -11.45 4.93
CA ASP A 244 15.21 -11.40 3.52
C ASP A 244 14.36 -12.63 3.20
N SER A 245 14.09 -12.81 1.90
CA SER A 245 13.31 -13.98 1.48
C SER A 245 14.06 -15.29 1.74
N ARG A 246 15.38 -15.23 1.88
CA ARG A 246 16.17 -16.44 2.10
C ARG A 246 16.39 -16.68 3.59
N GLY A 247 17.01 -15.73 4.28
CA GLY A 247 17.31 -15.91 5.68
C GLY A 247 17.23 -14.60 6.43
N GLY A 248 17.68 -14.64 7.69
CA GLY A 248 17.66 -13.48 8.54
C GLY A 248 18.85 -13.44 9.49
N ILE A 249 19.06 -12.26 10.09
CA ILE A 249 20.16 -12.03 11.01
C ILE A 249 19.61 -11.49 12.33
N TYR A 250 20.39 -11.68 13.39
CA TYR A 250 20.01 -11.27 14.73
C TYR A 250 21.21 -10.65 15.41
N ASN A 251 21.01 -9.49 16.04
CA ASN A 251 22.07 -8.84 16.79
C ASN A 251 21.46 -7.93 17.87
N PRO A 252 21.63 -8.27 19.15
CA PRO A 252 21.11 -7.41 20.21
C PRO A 252 21.75 -6.03 20.27
N ASP A 253 22.99 -5.89 19.81
CA ASP A 253 23.71 -4.62 19.84
C ASP A 253 23.07 -3.54 18.98
N GLY A 254 22.58 -3.91 17.78
CA GLY A 254 22.00 -2.93 16.89
C GLY A 254 22.50 -3.08 15.46
N LEU A 255 21.60 -2.98 14.50
CA LEU A 255 21.94 -3.11 13.09
C LEU A 255 21.69 -1.81 12.34
N ASP A 256 22.71 -1.35 11.64
CA ASP A 256 22.59 -0.18 10.78
C ASP A 256 22.19 -0.65 9.39
N PRO A 257 21.01 -0.26 8.89
CA PRO A 257 20.52 -0.84 7.62
C PRO A 257 21.39 -0.52 6.42
N ASP A 258 22.25 0.50 6.49
CA ASP A 258 23.07 0.85 5.33
C ASP A 258 24.01 -0.28 4.94
N GLU A 259 24.79 -0.77 5.90
CA GLU A 259 25.72 -1.85 5.58
C GLU A 259 24.99 -3.16 5.38
N VAL A 260 23.81 -3.31 5.98
CA VAL A 260 23.00 -4.50 5.73
C VAL A 260 22.56 -4.54 4.27
N LEU A 261 22.10 -3.41 3.74
CA LEU A 261 21.72 -3.34 2.33
C LEU A 261 22.94 -3.50 1.43
N LYS A 262 24.09 -2.95 1.84
CA LYS A 262 25.31 -3.16 1.08
C LYS A 262 25.67 -4.65 1.00
N TRP A 263 25.55 -5.35 2.13
CA TRP A 263 25.83 -6.77 2.17
C TRP A 263 24.86 -7.54 1.28
N LYS A 264 23.58 -7.17 1.32
CA LYS A 264 22.59 -7.83 0.48
C LYS A 264 22.86 -7.60 -1.00
N ARG A 265 23.25 -6.37 -1.36
CA ARG A 265 23.56 -6.08 -2.75
C ARG A 265 24.80 -6.85 -3.21
N GLU A 266 25.78 -6.99 -2.32
CA GLU A 266 27.01 -7.69 -2.69
C GLU A 266 26.78 -9.19 -2.84
N HIS A 267 26.33 -9.84 -1.77
CA HIS A 267 26.23 -11.29 -1.74
C HIS A 267 24.87 -11.84 -2.11
N GLY A 268 23.90 -10.97 -2.43
CA GLY A 268 22.57 -11.42 -2.80
C GLY A 268 21.63 -11.69 -1.65
N SER A 269 22.11 -11.56 -0.41
CA SER A 269 21.26 -11.78 0.76
C SER A 269 21.90 -11.09 1.96
N VAL A 270 21.09 -10.89 3.00
CA VAL A 270 21.60 -10.27 4.21
C VAL A 270 22.22 -11.28 5.15
N LYS A 271 22.23 -12.56 4.76
CA LYS A 271 22.76 -13.60 5.64
C LYS A 271 24.27 -13.45 5.81
N ASP A 272 24.79 -14.09 6.85
CA ASP A 272 26.21 -14.05 7.22
C ASP A 272 26.70 -12.64 7.54
N PHE A 273 25.86 -11.81 8.15
CA PHE A 273 26.25 -10.46 8.53
C PHE A 273 27.33 -10.51 9.60
N PRO A 274 28.34 -9.62 9.55
CA PRO A 274 29.40 -9.64 10.57
C PRO A 274 28.86 -9.40 11.97
N GLY A 275 29.06 -10.38 12.86
CA GLY A 275 28.64 -10.27 14.24
C GLY A 275 27.18 -10.57 14.49
N ALA A 276 26.43 -10.98 13.47
CA ALA A 276 25.01 -11.27 13.61
C ALA A 276 24.75 -12.76 13.43
N THR A 277 24.03 -13.34 14.38
CA THR A 277 23.67 -14.75 14.32
C THR A 277 22.67 -14.98 13.19
N ASN A 278 22.91 -15.99 12.37
CA ASN A 278 22.02 -16.29 11.26
C ASN A 278 20.84 -17.13 11.74
N ILE A 279 19.64 -16.58 11.62
CA ILE A 279 18.41 -17.24 12.05
C ILE A 279 17.40 -17.20 10.91
N THR A 280 16.30 -17.92 11.09
CA THR A 280 15.26 -18.03 10.08
C THR A 280 14.15 -17.01 10.33
N ASN A 281 13.13 -17.05 9.47
CA ASN A 281 12.01 -16.13 9.58
C ASN A 281 11.23 -16.36 10.87
N GLU A 282 11.00 -17.63 11.24
CA GLU A 282 10.24 -17.94 12.44
C GLU A 282 10.90 -17.43 13.71
N GLU A 283 12.22 -17.55 13.83
CA GLU A 283 12.91 -17.03 14.99
C GLU A 283 12.78 -15.50 15.08
N LEU A 284 12.86 -14.82 13.93
CA LEU A 284 12.65 -13.38 13.92
C LEU A 284 11.24 -13.02 14.37
N LEU A 285 10.23 -13.74 13.85
CA LEU A 285 8.85 -13.46 14.23
C LEU A 285 8.60 -13.75 15.71
N GLU A 286 9.14 -14.85 16.21
CA GLU A 286 8.97 -15.24 17.61
C GLU A 286 9.89 -14.48 18.55
N LEU A 287 10.80 -13.66 18.02
CA LEU A 287 11.73 -12.92 18.85
C LEU A 287 10.99 -11.89 19.68
N GLU A 288 11.38 -11.77 20.95
CA GLU A 288 10.78 -10.80 21.87
C GLU A 288 11.38 -9.43 21.57
N VAL A 289 10.56 -8.54 21.02
CA VAL A 289 10.95 -7.17 20.72
C VAL A 289 9.84 -6.23 21.15
N ASP A 290 10.13 -4.93 21.08
CA ASP A 290 9.09 -3.95 21.39
C ASP A 290 8.09 -3.80 20.25
N VAL A 291 8.55 -3.82 19.00
CA VAL A 291 7.66 -3.69 17.84
C VAL A 291 8.10 -4.66 16.75
N LEU A 292 7.13 -5.28 16.09
CA LEU A 292 7.35 -6.21 15.00
C LEU A 292 6.71 -5.67 13.73
N ALA A 293 7.40 -5.81 12.60
CA ALA A 293 6.94 -5.30 11.31
C ALA A 293 7.16 -6.35 10.24
N PRO A 294 6.09 -7.01 9.80
CA PRO A 294 6.23 -7.94 8.66
C PRO A 294 6.20 -7.21 7.33
N ALA A 295 7.33 -7.18 6.63
CA ALA A 295 7.43 -6.50 5.34
C ALA A 295 7.82 -7.47 4.24
N ALA A 296 7.16 -8.63 4.20
CA ALA A 296 7.47 -9.66 3.23
C ALA A 296 6.20 -10.20 2.60
N ILE A 297 6.31 -11.34 1.90
CA ILE A 297 5.14 -11.98 1.31
C ILE A 297 4.08 -12.21 2.38
N GLU A 298 2.82 -12.01 2.00
CA GLU A 298 1.71 -12.02 2.94
C GLU A 298 1.54 -13.40 3.58
N GLU A 299 0.72 -13.42 4.62
CA GLU A 299 0.41 -14.64 5.39
C GLU A 299 1.66 -15.21 6.06
N VAL A 300 2.32 -14.37 6.85
CA VAL A 300 3.44 -14.82 7.67
C VAL A 300 3.01 -15.14 9.11
N ILE A 301 1.99 -14.46 9.64
CA ILE A 301 1.49 -14.73 10.98
C ILE A 301 0.11 -15.35 10.85
N THR A 302 -0.02 -16.59 11.31
CA THR A 302 -1.29 -17.30 11.27
C THR A 302 -1.60 -17.78 12.68
N GLU A 303 -2.74 -18.47 12.83
CA GLU A 303 -3.17 -18.97 14.12
C GLU A 303 -2.20 -20.02 14.65
N LYS A 304 -1.46 -20.66 13.75
CA LYS A 304 -0.45 -21.64 14.16
C LYS A 304 0.67 -20.96 14.95
N ASN A 305 1.11 -19.78 14.49
CA ASN A 305 2.20 -19.06 15.13
C ASN A 305 1.81 -17.67 15.61
N ALA A 306 0.66 -17.54 16.28
CA ALA A 306 0.25 -16.22 16.76
C ALA A 306 0.49 -16.06 18.25
N ASP A 307 0.30 -17.13 19.02
CA ASP A 307 0.44 -17.07 20.47
C ASP A 307 1.89 -16.84 20.92
N ASN A 308 2.87 -17.12 20.07
CA ASN A 308 4.27 -16.97 20.41
C ASN A 308 4.80 -15.57 20.14
N ILE A 309 3.98 -14.69 19.57
CA ILE A 309 4.41 -13.32 19.29
C ILE A 309 4.41 -12.52 20.60
N LYS A 310 5.48 -11.76 20.83
CA LYS A 310 5.63 -11.01 22.06
C LYS A 310 5.76 -9.51 21.87
N ALA A 311 5.80 -9.03 20.62
CA ALA A 311 5.95 -7.60 20.38
C ALA A 311 4.70 -6.84 20.82
N LYS A 312 4.91 -5.71 21.50
CA LYS A 312 3.79 -4.91 21.96
C LYS A 312 3.00 -4.33 20.79
N ILE A 313 3.70 -3.86 19.76
CA ILE A 313 3.09 -3.23 18.59
C ILE A 313 3.44 -4.05 17.36
N VAL A 314 2.45 -4.34 16.53
CA VAL A 314 2.64 -5.03 15.26
C VAL A 314 2.22 -4.08 14.15
N ALA A 315 3.14 -3.75 13.25
CA ALA A 315 2.87 -2.85 12.14
C ALA A 315 3.07 -3.64 10.84
N GLU A 316 1.96 -4.12 10.27
CA GLU A 316 2.01 -4.98 9.09
C GLU A 316 2.02 -4.11 7.83
N VAL A 317 3.21 -3.98 7.25
CA VAL A 317 3.37 -3.18 6.05
C VAL A 317 2.72 -3.88 4.85
N ALA A 318 2.89 -5.20 4.77
CA ALA A 318 2.40 -5.94 3.61
C ALA A 318 0.87 -5.95 3.58
N ASN A 319 0.32 -6.33 2.42
CA ASN A 319 -1.11 -6.40 2.22
C ASN A 319 -1.67 -7.64 2.91
N GLY A 320 -2.01 -7.49 4.19
CA GLY A 320 -2.58 -8.57 4.97
C GLY A 320 -1.65 -9.74 5.16
N PRO A 321 -0.55 -9.55 5.89
CA PRO A 321 0.32 -10.67 6.20
C PRO A 321 -0.06 -11.43 7.46
N VAL A 322 -1.13 -11.02 8.14
CA VAL A 322 -1.59 -11.66 9.37
C VAL A 322 -3.04 -12.09 9.18
N THR A 323 -3.33 -13.34 9.50
CA THR A 323 -4.67 -13.89 9.33
C THR A 323 -5.62 -13.33 10.38
N PRO A 324 -6.92 -13.31 10.08
CA PRO A 324 -7.88 -12.82 11.07
C PRO A 324 -7.87 -13.60 12.37
N GLU A 325 -7.65 -14.92 12.32
CA GLU A 325 -7.52 -15.69 13.55
C GLU A 325 -6.30 -15.23 14.34
N ALA A 326 -5.17 -15.03 13.66
CA ALA A 326 -4.00 -14.49 14.32
C ALA A 326 -4.24 -13.07 14.81
N ASP A 327 -5.05 -12.30 14.07
CA ASP A 327 -5.43 -10.98 14.53
C ASP A 327 -6.15 -11.04 15.87
N ASP A 328 -7.12 -11.95 15.97
CA ASP A 328 -7.85 -12.09 17.23
C ASP A 328 -6.95 -12.59 18.35
N ILE A 329 -6.06 -13.53 18.04
CA ILE A 329 -5.14 -14.05 19.05
C ILE A 329 -4.23 -12.94 19.58
N LEU A 330 -3.70 -12.12 18.68
CA LEU A 330 -2.85 -11.01 19.12
C LEU A 330 -3.66 -9.98 19.90
N ARG A 331 -4.92 -9.75 19.50
CA ARG A 331 -5.75 -8.79 20.22
C ARG A 331 -6.02 -9.25 21.65
N GLU A 332 -6.32 -10.53 21.84
CA GLU A 332 -6.58 -11.03 23.18
C GLU A 332 -5.30 -11.20 24.00
N LYS A 333 -4.13 -11.08 23.36
CA LYS A 333 -2.86 -11.15 24.06
C LYS A 333 -2.38 -9.79 24.55
N GLY A 334 -3.17 -8.73 24.37
CA GLY A 334 -2.74 -7.41 24.79
C GLY A 334 -1.75 -6.75 23.87
N ILE A 335 -1.80 -7.06 22.58
CA ILE A 335 -0.85 -6.51 21.61
C ILE A 335 -1.59 -5.52 20.72
N LEU A 336 -1.07 -4.29 20.63
CA LEU A 336 -1.66 -3.26 19.78
C LEU A 336 -1.22 -3.48 18.35
N GLN A 337 -2.11 -4.04 17.53
CA GLN A 337 -1.81 -4.32 16.14
C GLN A 337 -2.08 -3.08 15.30
N ILE A 338 -1.69 -3.13 14.02
CA ILE A 338 -1.95 -2.04 13.08
C ILE A 338 -2.61 -2.63 11.85
N PRO A 339 -3.69 -2.03 11.34
CA PRO A 339 -4.35 -2.57 10.14
C PRO A 339 -3.40 -2.57 8.94
N ASP A 340 -3.59 -3.56 8.08
CA ASP A 340 -2.67 -3.75 6.95
C ASP A 340 -2.72 -2.58 5.97
N PHE A 341 -3.92 -2.12 5.62
CA PHE A 341 -4.02 -1.01 4.68
C PHE A 341 -3.76 0.34 5.33
N LEU A 342 -3.80 0.43 6.66
CA LEU A 342 -3.45 1.65 7.36
C LEU A 342 -1.94 1.85 7.41
N CYS A 343 -1.18 0.77 7.57
CA CYS A 343 0.27 0.90 7.70
C CYS A 343 0.92 1.31 6.39
N ASN A 344 0.55 0.65 5.29
CA ASN A 344 1.14 0.93 3.98
C ASN A 344 0.45 2.07 3.26
N ALA A 345 -0.35 2.87 3.98
CA ALA A 345 -1.05 3.99 3.38
C ALA A 345 -0.14 5.20 3.14
N GLY A 346 1.12 5.14 3.57
CA GLY A 346 2.05 6.21 3.26
C GLY A 346 2.28 6.39 1.78
N GLY A 347 2.37 5.28 1.04
CA GLY A 347 2.55 5.38 -0.40
C GLY A 347 1.39 6.06 -1.10
N VAL A 348 0.17 5.69 -0.77
CA VAL A 348 -1.00 6.34 -1.38
C VAL A 348 -1.14 7.78 -0.91
N THR A 349 -0.78 8.08 0.35
CA THR A 349 -0.82 9.47 0.81
C THR A 349 0.17 10.34 0.05
N VAL A 350 1.39 9.84 -0.15
CA VAL A 350 2.38 10.58 -0.92
C VAL A 350 1.99 10.69 -2.38
N SER A 351 1.36 9.65 -2.95
CA SER A 351 0.82 9.77 -4.30
C SER A 351 -0.26 10.83 -4.39
N TYR A 352 -1.12 10.93 -3.37
CA TYR A 352 -2.10 12.00 -3.32
C TYR A 352 -1.41 13.36 -3.27
N PHE A 353 -0.33 13.46 -2.48
CA PHE A 353 0.43 14.71 -2.42
C PHE A 353 1.00 15.08 -3.78
N GLU A 354 1.55 14.10 -4.49
CA GLU A 354 2.09 14.35 -5.83
C GLU A 354 0.98 14.77 -6.79
N TRP A 355 -0.19 14.15 -6.66
CA TRP A 355 -1.32 14.54 -7.50
C TRP A 355 -1.73 15.99 -7.25
N VAL A 356 -1.78 16.39 -5.98
CA VAL A 356 -2.09 17.78 -5.66
C VAL A 356 -1.01 18.71 -6.23
N GLN A 357 0.25 18.30 -6.13
CA GLN A 357 1.34 19.11 -6.68
C GLN A 357 1.20 19.28 -8.18
N ASN A 358 0.82 18.22 -8.89
CA ASN A 358 0.65 18.30 -10.33
C ASN A 358 -0.56 19.15 -10.70
N ILE A 359 -1.66 18.96 -9.99
CA ILE A 359 -2.92 19.66 -10.30
C ILE A 359 -2.73 21.16 -10.09
N ASN A 360 -2.14 21.54 -8.96
CA ASN A 360 -1.95 22.94 -8.62
C ASN A 360 -0.73 23.57 -9.30
N GLY A 361 0.14 22.76 -9.90
CA GLY A 361 1.32 23.30 -10.54
C GLY A 361 2.39 23.76 -9.58
N TYR A 362 2.26 23.45 -8.30
CA TYR A 362 3.23 23.85 -7.29
C TYR A 362 3.79 22.60 -6.63
N TYR A 363 5.12 22.51 -6.60
CA TYR A 363 5.80 21.34 -6.07
C TYR A 363 6.44 21.66 -4.72
N TRP A 364 6.38 20.70 -3.81
CA TRP A 364 6.84 20.91 -2.45
C TRP A 364 8.23 20.31 -2.24
N THR A 365 8.83 20.64 -1.10
CA THR A 365 10.12 20.08 -0.73
C THR A 365 9.93 18.83 0.13
N GLU A 366 11.07 18.23 0.50
CA GLU A 366 11.03 17.03 1.34
C GLU A 366 10.41 17.33 2.70
N GLU A 367 10.75 18.49 3.28
CA GLU A 367 10.26 18.83 4.61
C GLU A 367 8.74 19.01 4.61
N GLU A 368 8.21 19.73 3.62
CA GLU A 368 6.77 19.97 3.58
C GLU A 368 6.00 18.67 3.38
N VAL A 369 6.47 17.82 2.46
CA VAL A 369 5.80 16.54 2.22
C VAL A 369 5.86 15.68 3.48
N ARG A 370 7.01 15.65 4.15
CA ARG A 370 7.15 14.85 5.36
C ARG A 370 6.21 15.35 6.45
N GLU A 371 6.11 16.67 6.62
CA GLU A 371 5.23 17.23 7.65
C GLU A 371 3.77 16.92 7.35
N LYS A 372 3.35 17.08 6.09
CA LYS A 372 1.97 16.79 5.73
C LYS A 372 1.65 15.30 5.90
N LEU A 373 2.60 14.43 5.53
CA LEU A 373 2.40 13.00 5.73
C LEU A 373 2.30 12.67 7.21
N ASP A 374 3.12 13.33 8.04
CA ASP A 374 3.05 13.14 9.48
C ASP A 374 1.68 13.52 10.01
N LYS A 375 1.17 14.68 9.59
CA LYS A 375 -0.14 15.12 10.05
C LYS A 375 -1.24 14.14 9.62
N LYS A 376 -1.21 13.73 8.34
CA LYS A 376 -2.24 12.83 7.84
C LYS A 376 -2.20 11.48 8.56
N MET A 377 -1.01 10.91 8.72
CA MET A 377 -0.89 9.62 9.40
C MET A 377 -1.31 9.72 10.86
N THR A 378 -0.90 10.79 11.54
CA THR A 378 -1.29 10.96 12.94
C THR A 378 -2.81 11.05 13.08
N LYS A 379 -3.45 11.88 12.26
CA LYS A 379 -4.90 12.01 12.32
C LYS A 379 -5.61 10.71 11.99
N ALA A 380 -5.18 10.01 10.93
CA ALA A 380 -5.85 8.76 10.56
C ALA A 380 -5.68 7.71 11.64
N PHE A 381 -4.47 7.53 12.17
CA PHE A 381 -4.25 6.52 13.19
C PHE A 381 -5.03 6.85 14.46
N TRP A 382 -5.09 8.14 14.83
CA TRP A 382 -5.85 8.52 16.01
C TRP A 382 -7.34 8.26 15.81
N GLU A 383 -7.85 8.51 14.61
CA GLU A 383 -9.26 8.19 14.34
C GLU A 383 -9.51 6.69 14.48
N VAL A 384 -8.61 5.87 13.91
CA VAL A 384 -8.78 4.43 14.00
C VAL A 384 -8.69 3.96 15.46
N TYR A 385 -7.77 4.54 16.23
CA TYR A 385 -7.61 4.15 17.62
C TYR A 385 -8.82 4.55 18.46
N ASN A 386 -9.38 5.74 18.18
CA ASN A 386 -10.61 6.15 18.86
C ASN A 386 -11.76 5.22 18.54
N THR A 387 -11.90 4.82 17.28
CA THR A 387 -12.92 3.84 16.93
C THR A 387 -12.68 2.51 17.64
N HIS A 388 -11.41 2.10 17.71
CA HIS A 388 -11.05 0.89 18.44
C HIS A 388 -11.49 0.95 19.89
N LYS A 389 -11.19 2.05 20.57
CA LYS A 389 -11.51 2.18 21.99
C LYS A 389 -13.01 2.26 22.21
N ASP A 390 -13.72 2.99 21.33
CA ASP A 390 -15.16 3.17 21.54
C ASP A 390 -15.93 1.90 21.23
N LYS A 391 -15.62 1.22 20.12
CA LYS A 391 -16.40 0.07 19.68
C LYS A 391 -15.94 -1.24 20.29
N ASN A 392 -14.80 -1.25 21.00
CA ASN A 392 -14.25 -2.45 21.61
C ASN A 392 -14.06 -3.57 20.58
N ILE A 393 -13.58 -3.17 19.41
CA ILE A 393 -13.34 -4.09 18.30
C ILE A 393 -11.85 -4.06 17.97
N HIS A 394 -11.48 -4.82 16.94
CA HIS A 394 -10.09 -4.94 16.53
C HIS A 394 -9.60 -3.67 15.81
N MET A 395 -8.25 -3.44 15.74
CA MET A 395 -7.63 -2.34 15.00
C MET A 395 -7.99 -2.41 13.52
N ARG A 396 -7.88 -3.61 12.93
CA ARG A 396 -8.24 -3.77 11.53
C ARG A 396 -9.73 -3.53 11.34
N ASP A 397 -10.54 -4.07 12.25
CA ASP A 397 -11.98 -3.82 12.20
C ASP A 397 -12.30 -2.34 12.39
N ALA A 398 -11.58 -1.66 13.28
CA ALA A 398 -11.81 -0.23 13.49
C ALA A 398 -11.49 0.56 12.23
N ALA A 399 -10.37 0.26 11.58
CA ALA A 399 -10.02 0.95 10.34
C ALA A 399 -11.03 0.67 9.25
N TYR A 400 -11.49 -0.57 9.15
CA TYR A 400 -12.56 -0.89 8.21
C TYR A 400 -13.83 -0.10 8.49
N VAL A 401 -14.21 0.01 9.77
CA VAL A 401 -15.39 0.80 10.12
C VAL A 401 -15.22 2.24 9.71
N VAL A 402 -14.04 2.82 9.98
CA VAL A 402 -13.80 4.21 9.62
C VAL A 402 -13.91 4.40 8.11
N ALA A 403 -13.23 3.54 7.35
CA ALA A 403 -13.21 3.68 5.89
C ALA A 403 -14.60 3.51 5.30
N VAL A 404 -15.32 2.45 5.72
CA VAL A 404 -16.64 2.19 5.17
C VAL A 404 -17.62 3.27 5.58
N SER A 405 -17.50 3.79 6.82
CA SER A 405 -18.36 4.88 7.25
C SER A 405 -18.12 6.12 6.40
N ARG A 406 -16.86 6.45 6.12
CA ARG A 406 -16.57 7.61 5.27
C ARG A 406 -17.15 7.42 3.87
N VAL A 407 -16.97 6.24 3.29
CA VAL A 407 -17.46 5.99 1.94
C VAL A 407 -18.99 6.02 1.92
N TYR A 408 -19.60 5.46 2.95
CA TYR A 408 -21.06 5.44 3.02
C TYR A 408 -21.62 6.85 3.20
N GLN A 409 -20.97 7.68 4.00
CA GLN A 409 -21.38 9.07 4.16
C GLN A 409 -21.23 9.82 2.84
N ALA A 410 -20.14 9.57 2.11
CA ALA A 410 -19.97 10.20 0.80
C ALA A 410 -21.06 9.78 -0.17
N MET A 411 -21.42 8.50 -0.16
CA MET A 411 -22.48 8.02 -1.04
C MET A 411 -23.82 8.64 -0.66
N LYS A 412 -24.10 8.75 0.64
CA LYS A 412 -25.35 9.37 1.07
C LYS A 412 -25.40 10.84 0.68
N ASP A 413 -24.28 11.56 0.80
CA ASP A 413 -24.25 12.97 0.43
C ASP A 413 -24.45 13.18 -1.05
N ARG A 414 -23.92 12.30 -1.89
CA ARG A 414 -24.12 12.37 -3.33
C ARG A 414 -25.53 11.98 -3.76
N GLY A 415 -26.33 11.42 -2.86
CA GLY A 415 -27.65 10.95 -3.22
C GLY A 415 -27.70 9.57 -3.84
N TRP A 416 -26.58 8.86 -3.87
CA TRP A 416 -26.55 7.53 -4.47
C TRP A 416 -27.46 6.56 -3.72
N VAL A 417 -27.42 6.61 -2.38
CA VAL A 417 -28.26 5.77 -1.54
C VAL A 417 -29.13 6.66 -0.67
N LYS A 418 -30.42 6.37 -0.65
CA LYS A 418 -31.37 7.17 0.11
C LYS A 418 -31.39 6.83 1.59
N LYS A 419 -30.79 5.70 1.99
CA LYS A 419 -30.76 5.30 3.39
C LYS A 419 -29.35 4.90 3.80
PA NAP B . 17.83 0.21 -13.15
O1A NAP B . 17.00 0.38 -14.39
O2A NAP B . 18.86 1.25 -12.77
O5B NAP B . 18.56 -1.22 -13.22
C5B NAP B . 19.27 -1.61 -14.40
C4B NAP B . 18.97 -3.06 -14.74
O4B NAP B . 20.14 -3.68 -15.27
C3B NAP B . 18.55 -3.85 -13.49
O3B NAP B . 17.24 -4.40 -13.69
C2B NAP B . 19.62 -4.91 -13.29
O2B NAP B . 19.09 -6.23 -13.32
C1B NAP B . 20.62 -4.73 -14.43
N9A NAP B . 21.94 -4.36 -13.87
C8A NAP B . 22.18 -3.36 -13.00
N7A NAP B . 23.49 -3.29 -12.68
C5A NAP B . 24.13 -4.26 -13.36
C6A NAP B . 25.52 -4.74 -13.48
N6A NAP B . 26.53 -4.15 -12.81
N1A NAP B . 25.75 -5.80 -14.30
C2A NAP B . 24.76 -6.40 -14.98
N3A NAP B . 23.48 -6.02 -14.92
C4A NAP B . 23.10 -4.97 -14.13
O3 NAP B . 16.83 0.03 -11.89
PN NAP B . 15.89 1.24 -11.42
O1N NAP B . 15.39 0.93 -10.02
O2N NAP B . 14.89 1.52 -12.52
O5D NAP B . 16.92 2.47 -11.33
C5D NAP B . 16.98 3.28 -10.16
C4D NAP B . 16.05 4.48 -10.31
O4D NAP B . 14.70 4.03 -10.37
C3D NAP B . 16.18 5.42 -9.12
O3D NAP B . 16.64 6.70 -9.57
C2D NAP B . 14.80 5.48 -8.48
O2D NAP B . 14.26 6.81 -8.44
C1D NAP B . 13.91 4.59 -9.32
N1N NAP B . 13.37 3.52 -8.48
C2N NAP B . 12.04 3.38 -8.37
C3N NAP B . 11.50 2.36 -7.58
C7N NAP B . 10.02 2.21 -7.46
O7N NAP B . 9.31 3.21 -7.48
N7N NAP B . 9.50 0.99 -7.32
C4N NAP B . 12.34 1.49 -6.92
C5N NAP B . 13.71 1.66 -7.05
C6N NAP B . 14.20 2.69 -7.85
P2B NAP B . 18.50 -6.92 -11.98
O1X NAP B . 17.23 -6.18 -11.72
O2X NAP B . 18.33 -8.37 -12.36
O3X NAP B . 19.59 -6.68 -10.96
#